data_5ZUO
#
_entry.id   5ZUO
#
_cell.length_a   111.237
_cell.length_b   111.237
_cell.length_c   62.211
_cell.angle_alpha   90.000
_cell.angle_beta   90.000
_cell.angle_gamma   120.000
#
_symmetry.space_group_name_H-M   'P 61'
#
loop_
_entity.id
_entity.type
_entity.pdbx_description
1 polymer 'Double-stranded RNA-specific adenosine deaminase'
2 polymer "DNA (5'-D(*GP*TP*CP*GP*CP*GP*CP*GP*CP*GP*AP*TP*AP*AP*AP*CP*C)-3')"
3 polymer "DNA (5'-D(*AP*CP*GP*GP*TP*TP*TP*AP*TP*CP*GP*CP*GP*CP*GP*CP*G)-3')"
#
loop_
_entity_poly.entity_id
_entity_poly.type
_entity_poly.pdbx_seq_one_letter_code
_entity_poly.pdbx_strand_id
1 'polypeptide(L)' GSHMEQRILKFLEELGEGKATTAHDLSGKLGTPKKEINRVLYSLAKKGKLQKEAGTPPLWKIAVSTQ A,B,C,D
2 'polydeoxyribonucleotide' (DG)(DT)(DC)(DG)(DC)(DG)(DC)(DG)(DC)(DG)(DA)(DT)(DA)(DA)(DA)(DC)(DC) E
3 'polydeoxyribonucleotide' (DA)(DC)(DG)(DG)(DT)(DT)(DT)(DA)(DT)(DC)(DG)(DC)(DG)(DC)(DG)(DC)(DG) F
#
loop_
_chem_comp.id
_chem_comp.type
_chem_comp.name
_chem_comp.formula
DA DNA linking 2'-DEOXYADENOSINE-5'-MONOPHOSPHATE 'C10 H14 N5 O6 P'
DC DNA linking 2'-DEOXYCYTIDINE-5'-MONOPHOSPHATE 'C9 H14 N3 O7 P'
DG DNA linking 2'-DEOXYGUANOSINE-5'-MONOPHOSPHATE 'C10 H14 N5 O7 P'
DT DNA linking THYMIDINE-5'-MONOPHOSPHATE 'C10 H15 N2 O8 P'
#
# COMPACT_ATOMS: atom_id res chain seq x y z
N HIS A 3 -12.64 14.46 10.83
CA HIS A 3 -13.45 15.65 10.59
C HIS A 3 -12.86 16.49 9.47
N MET A 4 -11.59 16.25 9.15
CA MET A 4 -10.91 17.03 8.13
C MET A 4 -11.55 16.86 6.77
N GLU A 5 -12.07 15.65 6.49
CA GLU A 5 -12.70 15.41 5.19
C GLU A 5 -13.98 16.22 5.04
N GLN A 6 -14.71 16.41 6.13
CA GLN A 6 -16.00 17.11 6.06
C GLN A 6 -15.80 18.56 5.61
N ARG A 7 -14.73 19.21 6.06
CA ARG A 7 -14.47 20.59 5.66
C ARG A 7 -14.29 20.69 4.15
N ILE A 8 -13.39 19.89 3.59
CA ILE A 8 -13.14 19.89 2.15
C ILE A 8 -14.38 19.39 1.41
N ALA A 20 -10.72 24.67 -9.31
CA ALA A 20 -9.74 23.68 -8.84
C ALA A 20 -8.67 24.34 -7.99
N THR A 21 -7.97 23.54 -7.21
CA THR A 21 -6.88 24.01 -6.36
C THR A 21 -5.96 22.85 -6.05
N THR A 22 -4.77 23.18 -5.57
CA THR A 22 -3.77 22.18 -5.23
C THR A 22 -3.78 21.90 -3.74
N ALA A 23 -3.33 20.70 -3.36
CA ALA A 23 -3.17 20.37 -1.95
C ALA A 23 -2.17 21.30 -1.29
N HIS A 24 -1.20 21.81 -2.07
CA HIS A 24 -0.31 22.85 -1.59
C HIS A 24 -1.11 24.05 -1.07
N ASP A 25 -2.10 24.48 -1.84
CA ASP A 25 -2.91 25.63 -1.45
C ASP A 25 -3.81 25.29 -0.26
N LEU A 26 -4.41 24.10 -0.26
CA LEU A 26 -5.29 23.72 0.84
C LEU A 26 -4.53 23.61 2.16
N SER A 27 -3.26 23.21 2.11
CA SER A 27 -2.48 23.10 3.33
C SER A 27 -2.31 24.46 4.01
N GLY A 28 -1.99 25.49 3.23
CA GLY A 28 -1.84 26.82 3.80
C GLY A 28 -3.16 27.51 4.10
N LYS A 29 -4.22 27.17 3.37
CA LYS A 29 -5.52 27.79 3.61
C LYS A 29 -6.17 27.25 4.87
N LEU A 30 -6.02 25.95 5.12
CA LEU A 30 -6.66 25.30 6.26
C LEU A 30 -5.72 25.10 7.44
N GLY A 31 -4.44 25.44 7.30
CA GLY A 31 -3.49 25.26 8.38
C GLY A 31 -3.32 23.81 8.79
N THR A 32 -3.06 22.95 7.80
CA THR A 32 -2.95 21.52 8.01
C THR A 32 -1.74 21.02 7.21
N PRO A 33 -0.98 20.07 7.75
CA PRO A 33 0.15 19.52 6.98
C PRO A 33 -0.28 19.01 5.62
N LYS A 34 0.57 19.29 4.61
CA LYS A 34 0.24 18.90 3.24
C LYS A 34 0.10 17.39 3.10
N LYS A 35 0.82 16.62 3.92
CA LYS A 35 0.68 15.17 3.90
C LYS A 35 -0.74 14.74 4.23
N GLU A 36 -1.33 15.39 5.25
CA GLU A 36 -2.71 15.04 5.63
C GLU A 36 -3.71 15.51 4.58
N ILE A 37 -3.43 16.61 3.88
CA ILE A 37 -4.34 17.11 2.86
C ILE A 37 -4.37 16.15 1.67
N ASN A 38 -3.20 15.77 1.17
CA ASN A 38 -3.14 14.81 0.07
C ASN A 38 -3.72 13.45 0.48
N ARG A 39 -3.67 13.12 1.76
CA ARG A 39 -4.26 11.87 2.23
C ARG A 39 -5.78 11.89 2.08
N VAL A 40 -6.42 13.01 2.43
CA VAL A 40 -7.87 13.09 2.32
C VAL A 40 -8.30 13.27 0.87
N LEU A 41 -7.47 13.92 0.05
CA LEU A 41 -7.82 14.11 -1.35
C LEU A 41 -7.83 12.79 -2.11
N TYR A 42 -6.75 12.02 -2.01
CA TYR A 42 -6.70 10.72 -2.70
C TYR A 42 -7.73 9.75 -2.15
N SER A 43 -8.14 9.93 -0.89
CA SER A 43 -9.19 9.09 -0.33
C SER A 43 -10.54 9.41 -0.96
N LEU A 44 -10.93 10.68 -0.94
CA LEU A 44 -12.19 11.09 -1.56
C LEU A 44 -12.16 10.94 -3.07
N ALA A 45 -10.96 11.03 -3.67
CA ALA A 45 -10.84 10.73 -5.10
C ALA A 45 -11.11 9.26 -5.37
N LYS A 46 -10.67 8.38 -4.47
CA LYS A 46 -11.05 6.97 -4.57
C LYS A 46 -12.53 6.78 -4.29
N LYS A 47 -13.11 7.65 -3.46
CA LYS A 47 -14.55 7.64 -3.23
C LYS A 47 -15.33 8.30 -4.36
N GLY A 48 -14.65 8.82 -5.37
CA GLY A 48 -15.29 9.36 -6.57
C GLY A 48 -15.78 10.79 -6.47
N LYS A 49 -15.87 11.36 -5.27
CA LYS A 49 -16.41 12.70 -5.14
C LYS A 49 -15.51 13.75 -5.78
N LEU A 50 -14.20 13.47 -5.87
CA LEU A 50 -13.24 14.41 -6.43
C LEU A 50 -12.54 13.80 -7.64
N GLN A 51 -11.95 14.67 -8.45
CA GLN A 51 -11.21 14.26 -9.63
C GLN A 51 -9.91 15.05 -9.69
N LYS A 52 -8.82 14.36 -10.04
CA LYS A 52 -7.49 14.96 -10.06
C LYS A 52 -7.09 15.31 -11.48
N GLU A 53 -6.58 16.52 -11.66
CA GLU A 53 -6.08 16.99 -12.95
C GLU A 53 -4.56 16.96 -12.94
N ALA A 54 -3.97 16.81 -14.13
CA ALA A 54 -2.52 16.69 -14.24
C ALA A 54 -1.84 18.03 -14.03
N GLY A 55 -0.76 18.01 -13.25
CA GLY A 55 -0.01 19.21 -12.98
C GLY A 55 1.05 18.94 -11.93
N THR A 56 1.93 19.92 -11.76
CA THR A 56 3.00 19.83 -10.78
C THR A 56 3.10 21.10 -9.95
N PRO A 57 2.47 21.11 -8.76
CA PRO A 57 1.69 20.02 -8.15
C PRO A 57 0.33 19.80 -8.81
N PRO A 58 -0.23 18.60 -8.65
CA PRO A 58 -1.50 18.29 -9.30
C PRO A 58 -2.63 19.19 -8.83
N LEU A 59 -3.65 19.31 -9.67
CA LEU A 59 -4.83 20.12 -9.41
C LEU A 59 -6.00 19.23 -9.00
N TRP A 60 -6.82 19.76 -8.09
CA TRP A 60 -7.91 18.98 -7.50
C TRP A 60 -9.22 19.75 -7.66
N LYS A 61 -10.22 19.11 -8.26
CA LYS A 61 -11.54 19.69 -8.44
C LYS A 61 -12.59 18.70 -7.99
N ILE A 62 -13.84 19.18 -7.94
CA ILE A 62 -14.97 18.37 -7.50
C ILE A 62 -15.66 17.78 -8.73
N ALA A 63 -16.15 16.55 -8.59
CA ALA A 63 -16.92 15.89 -9.64
C ALA A 63 -18.41 16.02 -9.34
N VAL A 64 -19.18 16.29 -10.39
CA VAL A 64 -20.63 16.45 -10.25
C VAL A 64 -21.36 15.30 -10.93
N SER B 2 17.97 -14.01 11.09
CA SER B 2 17.45 -13.49 12.35
C SER B 2 18.54 -12.89 13.20
N HIS B 3 19.73 -12.74 12.62
CA HIS B 3 20.79 -12.01 13.32
C HIS B 3 20.47 -10.54 13.46
N MET B 4 19.68 -10.00 12.52
CA MET B 4 19.30 -8.59 12.59
C MET B 4 18.30 -8.34 13.72
N GLU B 5 17.37 -9.29 13.94
CA GLU B 5 16.33 -9.07 14.94
C GLU B 5 16.92 -8.89 16.33
N GLN B 6 18.09 -9.46 16.60
CA GLN B 6 18.77 -9.19 17.85
C GLN B 6 19.33 -7.77 17.89
N ARG B 7 19.79 -7.27 16.74
CA ARG B 7 20.24 -5.89 16.67
C ARG B 7 19.07 -4.91 16.68
N ILE B 8 17.90 -5.34 16.21
CA ILE B 8 16.72 -4.48 16.28
C ILE B 8 16.33 -4.25 17.73
N LEU B 9 16.25 -5.34 18.51
CA LEU B 9 15.86 -5.22 19.91
C LEU B 9 16.91 -4.46 20.72
N LYS B 10 18.19 -4.74 20.49
CA LYS B 10 19.23 -4.07 21.25
C LYS B 10 19.30 -2.58 20.93
N PHE B 11 18.94 -2.19 19.71
CA PHE B 11 18.77 -0.77 19.42
C PHE B 11 17.48 -0.23 20.03
N LEU B 12 16.43 -1.06 20.09
CA LEU B 12 15.17 -0.61 20.68
C LEU B 12 15.26 -0.55 22.20
N GLU B 13 15.92 -1.53 22.82
CA GLU B 13 16.07 -1.51 24.27
C GLU B 13 16.93 -0.33 24.73
N GLU B 14 17.84 0.14 23.88
CA GLU B 14 18.59 1.35 24.18
C GLU B 14 17.68 2.56 24.08
N LEU B 15 17.76 3.45 25.08
CA LEU B 15 16.93 4.64 25.15
C LEU B 15 15.44 4.29 25.12
N GLY B 16 15.10 3.18 25.78
CA GLY B 16 13.77 2.61 25.71
C GLY B 16 12.80 2.98 26.82
N GLU B 17 13.15 3.94 27.68
CA GLU B 17 12.23 4.32 28.74
C GLU B 17 11.13 5.26 28.26
N GLY B 18 11.40 6.03 27.21
CA GLY B 18 10.49 7.08 26.80
C GLY B 18 9.68 6.82 25.54
N LYS B 19 10.29 7.01 24.38
CA LYS B 19 9.56 7.04 23.11
C LYS B 19 9.84 5.77 22.29
N ALA B 20 9.39 5.79 21.04
CA ALA B 20 9.56 4.69 20.11
C ALA B 20 10.15 5.20 18.80
N THR B 21 10.13 4.37 17.75
CA THR B 21 10.70 4.74 16.47
C THR B 21 9.95 4.04 15.34
N THR B 22 10.30 4.42 14.12
CA THR B 22 9.70 3.85 12.92
C THR B 22 10.66 2.87 12.25
N ALA B 23 10.14 2.17 11.24
CA ALA B 23 10.98 1.24 10.48
C ALA B 23 11.88 1.97 9.51
N HIS B 24 11.43 3.10 8.94
CA HIS B 24 12.28 3.87 8.04
C HIS B 24 13.51 4.40 8.78
N ASP B 25 13.33 4.83 10.03
CA ASP B 25 14.47 5.25 10.83
C ASP B 25 15.39 4.07 11.11
N LEU B 26 14.82 2.90 11.42
CA LEU B 26 15.64 1.71 11.65
C LEU B 26 16.39 1.31 10.39
N SER B 27 15.78 1.53 9.22
CA SER B 27 16.43 1.16 7.97
C SER B 27 17.74 1.93 7.77
N GLY B 28 17.77 3.18 8.19
CA GLY B 28 18.97 3.99 8.07
C GLY B 28 19.91 3.83 9.24
N LYS B 29 19.37 3.67 10.44
CA LYS B 29 20.20 3.55 11.64
C LYS B 29 21.05 2.29 11.60
N LEU B 30 20.50 1.19 11.09
CA LEU B 30 21.17 -0.10 11.10
C LEU B 30 21.78 -0.49 9.76
N GLY B 31 21.66 0.36 8.75
CA GLY B 31 22.20 0.06 7.43
C GLY B 31 21.61 -1.20 6.82
N THR B 32 20.29 -1.32 6.90
CA THR B 32 19.58 -2.50 6.44
C THR B 32 18.39 -2.07 5.60
N PRO B 33 18.16 -2.70 4.45
CA PRO B 33 16.98 -2.36 3.64
C PRO B 33 15.70 -2.50 4.43
N LYS B 34 14.78 -1.54 4.22
CA LYS B 34 13.53 -1.53 4.97
C LYS B 34 12.70 -2.79 4.73
N LYS B 35 12.95 -3.50 3.62
CA LYS B 35 12.24 -4.76 3.37
C LYS B 35 12.55 -5.80 4.44
N GLU B 36 13.80 -5.86 4.90
CA GLU B 36 14.17 -6.82 5.92
C GLU B 36 13.82 -6.32 7.32
N ILE B 37 13.93 -5.00 7.55
CA ILE B 37 13.61 -4.44 8.86
C ILE B 37 12.17 -4.75 9.23
N ASN B 38 11.25 -4.49 8.31
CA ASN B 38 9.83 -4.65 8.60
C ASN B 38 9.46 -6.11 8.85
N ARG B 39 9.82 -7.00 7.92
CA ARG B 39 9.46 -8.41 8.07
C ARG B 39 10.10 -9.03 9.31
N VAL B 40 11.17 -8.43 9.82
CA VAL B 40 11.69 -8.82 11.13
C VAL B 40 10.85 -8.23 12.24
N LEU B 41 10.40 -6.99 12.08
CA LEU B 41 9.59 -6.34 13.11
C LEU B 41 8.25 -7.03 13.28
N TYR B 42 7.54 -7.29 12.17
CA TYR B 42 6.24 -7.95 12.25
C TYR B 42 6.38 -9.35 12.85
N SER B 43 7.46 -10.05 12.52
CA SER B 43 7.73 -11.33 13.18
C SER B 43 8.11 -11.14 14.63
N LEU B 44 8.69 -9.99 14.97
CA LEU B 44 9.06 -9.71 16.35
C LEU B 44 7.84 -9.34 17.18
N ALA B 45 6.91 -8.56 16.61
CA ALA B 45 5.70 -8.20 17.34
C ALA B 45 4.79 -9.40 17.57
N LYS B 46 4.78 -10.37 16.65
CA LYS B 46 3.97 -11.56 16.83
C LYS B 46 4.56 -12.46 17.92
N LYS B 47 5.88 -12.45 18.08
CA LYS B 47 6.54 -13.28 19.07
C LYS B 47 6.44 -12.73 20.49
N GLY B 48 5.81 -11.58 20.67
CA GLY B 48 5.65 -11.00 21.99
C GLY B 48 6.82 -10.19 22.50
N LYS B 49 7.93 -10.15 21.76
CA LYS B 49 9.08 -9.36 22.19
C LYS B 49 8.91 -7.87 21.92
N LEU B 50 8.04 -7.50 20.99
CA LEU B 50 7.78 -6.10 20.67
C LEU B 50 6.28 -5.90 20.49
N GLN B 51 5.87 -4.64 20.54
CA GLN B 51 4.48 -4.26 20.36
C GLN B 51 4.37 -3.25 19.23
N LYS B 52 3.40 -3.44 18.35
CA LYS B 52 3.21 -2.59 17.18
C LYS B 52 2.12 -1.57 17.46
N GLU B 53 2.46 -0.29 17.34
CA GLU B 53 1.50 0.80 17.46
C GLU B 53 1.08 1.22 16.06
N ALA B 54 -0.18 1.00 15.71
CA ALA B 54 -0.66 1.30 14.38
C ALA B 54 -0.60 2.80 14.11
N GLY B 55 -0.07 3.15 12.94
CA GLY B 55 0.05 4.55 12.58
C GLY B 55 0.50 4.70 11.14
N THR B 56 0.87 5.93 10.81
CA THR B 56 1.35 6.24 9.46
C THR B 56 2.53 7.21 9.52
N PRO B 57 3.76 6.67 9.56
CA PRO B 57 4.06 5.24 9.61
C PRO B 57 3.91 4.65 11.01
N PRO B 58 3.75 3.33 11.10
CA PRO B 58 3.59 2.69 12.41
C PRO B 58 4.82 2.86 13.29
N LEU B 59 4.58 2.94 14.59
CA LEU B 59 5.64 3.07 15.59
C LEU B 59 5.85 1.74 16.30
N TRP B 60 7.11 1.46 16.64
CA TRP B 60 7.49 0.19 17.23
C TRP B 60 8.32 0.43 18.49
N LYS B 61 8.01 -0.32 19.55
CA LYS B 61 8.68 -0.18 20.82
C LYS B 61 8.82 -1.56 21.46
N ILE B 62 9.43 -1.58 22.65
CA ILE B 62 9.53 -2.83 23.42
C ILE B 62 8.15 -3.18 23.97
N ALA B 63 7.85 -4.48 24.00
CA ALA B 63 6.54 -4.93 24.47
C ALA B 63 6.33 -4.53 25.93
N VAL B 64 5.14 -4.02 26.21
CA VAL B 64 4.77 -3.58 27.56
C VAL B 64 3.72 -4.55 28.09
N SER B 65 4.02 -5.19 29.22
CA SER B 65 3.12 -6.16 29.81
C SER B 65 1.85 -5.49 30.29
N THR B 66 0.70 -6.05 29.89
CA THR B 66 -0.61 -5.57 30.33
C THR B 66 -1.27 -6.55 31.29
N GLN B 67 -0.46 -7.31 32.02
CA GLN B 67 -0.97 -8.28 32.98
C GLN B 67 -1.52 -7.59 34.23
N SER C 2 25.55 4.19 -14.69
CA SER C 2 24.35 3.45 -14.32
C SER C 2 24.09 2.31 -15.30
N HIS C 3 24.69 1.16 -15.04
CA HIS C 3 24.54 -0.01 -15.89
C HIS C 3 23.33 -0.85 -15.53
N MET C 4 22.56 -0.45 -14.52
CA MET C 4 21.32 -1.16 -14.21
C MET C 4 20.28 -0.94 -15.30
N GLU C 5 20.26 0.25 -15.91
CA GLU C 5 19.36 0.51 -17.02
C GLU C 5 19.72 -0.35 -18.22
N GLN C 6 21.02 -0.60 -18.43
CA GLN C 6 21.44 -1.36 -19.60
C GLN C 6 21.03 -2.83 -19.48
N ARG C 7 21.07 -3.38 -18.27
CA ARG C 7 20.75 -4.79 -18.09
C ARG C 7 19.25 -5.03 -18.03
N ILE C 8 18.47 -4.05 -17.58
CA ILE C 8 17.02 -4.18 -17.61
C ILE C 8 16.52 -4.22 -19.05
N LEU C 9 16.95 -3.26 -19.86
CA LEU C 9 16.64 -3.29 -21.29
C LEU C 9 17.22 -4.52 -21.95
N LYS C 10 18.35 -5.02 -21.45
CA LYS C 10 18.93 -6.25 -21.97
C LYS C 10 18.02 -7.45 -21.68
N PHE C 11 17.46 -7.50 -20.47
CA PHE C 11 16.56 -8.60 -20.12
C PHE C 11 15.28 -8.55 -20.95
N LEU C 12 14.68 -7.36 -21.06
CA LEU C 12 13.46 -7.23 -21.84
C LEU C 12 13.71 -7.46 -23.32
N GLU C 13 14.94 -7.20 -23.79
CA GLU C 13 15.28 -7.51 -25.17
C GLU C 13 15.43 -9.01 -25.39
N GLU C 14 16.10 -9.70 -24.46
CA GLU C 14 16.25 -11.14 -24.56
C GLU C 14 14.98 -11.91 -24.19
N LEU C 15 13.93 -11.20 -23.76
CA LEU C 15 12.69 -11.88 -23.41
C LEU C 15 11.88 -12.26 -24.64
N GLY C 16 11.86 -11.39 -25.64
CA GLY C 16 11.13 -11.67 -26.86
C GLY C 16 10.72 -10.37 -27.54
N GLU C 17 9.89 -10.53 -28.57
CA GLU C 17 9.37 -9.40 -29.34
C GLU C 17 8.03 -8.99 -28.73
N GLY C 18 7.97 -7.78 -28.17
CA GLY C 18 6.76 -7.33 -27.52
C GLY C 18 6.43 -8.03 -26.22
N LYS C 19 7.35 -8.81 -25.67
CA LYS C 19 7.11 -9.52 -24.43
C LYS C 19 7.28 -8.59 -23.24
N ALA C 20 6.50 -8.86 -22.19
CA ALA C 20 6.50 -8.03 -20.99
C ALA C 20 6.66 -8.91 -19.76
N THR C 21 7.10 -8.29 -18.67
CA THR C 21 7.26 -8.97 -17.39
C THR C 21 7.04 -7.96 -16.27
N THR C 22 7.04 -8.47 -15.04
CA THR C 22 6.77 -7.67 -13.87
C THR C 22 8.07 -7.19 -13.22
N ALA C 23 7.94 -6.18 -12.36
CA ALA C 23 9.10 -5.72 -11.60
C ALA C 23 9.56 -6.76 -10.60
N HIS C 24 8.63 -7.54 -10.04
CA HIS C 24 9.01 -8.60 -9.12
C HIS C 24 9.80 -9.69 -9.83
N ASP C 25 9.48 -9.98 -11.09
CA ASP C 25 10.24 -10.98 -11.85
C ASP C 25 11.64 -10.47 -12.14
N LEU C 26 11.79 -9.18 -12.45
CA LEU C 26 13.11 -8.62 -12.69
C LEU C 26 13.96 -8.64 -11.44
N SER C 27 13.34 -8.45 -10.27
CA SER C 27 14.09 -8.42 -9.02
C SER C 27 14.76 -9.75 -8.73
N GLY C 28 14.09 -10.86 -9.06
CA GLY C 28 14.63 -12.18 -8.76
C GLY C 28 15.58 -12.70 -9.82
N LYS C 29 15.24 -12.51 -11.10
CA LYS C 29 16.09 -13.03 -12.16
C LYS C 29 17.43 -12.31 -12.22
N LEU C 30 17.43 -11.01 -11.90
CA LEU C 30 18.65 -10.21 -11.92
C LEU C 30 19.29 -10.09 -10.55
N GLY C 31 18.67 -10.61 -9.50
CA GLY C 31 19.25 -10.57 -8.17
C GLY C 31 19.43 -9.17 -7.62
N THR C 32 18.45 -8.30 -7.84
CA THR C 32 18.52 -6.90 -7.42
C THR C 32 17.27 -6.57 -6.60
N PRO C 33 17.43 -5.83 -5.50
CA PRO C 33 16.25 -5.45 -4.71
C PRO C 33 15.19 -4.75 -5.56
N LYS C 34 13.93 -5.14 -5.35
CA LYS C 34 12.83 -4.59 -6.13
C LYS C 34 12.69 -3.09 -5.94
N LYS C 35 13.16 -2.55 -4.81
CA LYS C 35 13.14 -1.11 -4.60
C LYS C 35 13.96 -0.39 -5.66
N GLU C 36 15.11 -0.96 -6.04
CA GLU C 36 15.93 -0.36 -7.08
C GLU C 36 15.37 -0.62 -8.47
N ILE C 37 14.71 -1.76 -8.68
CA ILE C 37 14.19 -2.10 -10.00
C ILE C 37 13.12 -1.11 -10.42
N ASN C 38 12.20 -0.79 -9.52
CA ASN C 38 11.05 0.03 -9.89
C ASN C 38 11.45 1.47 -10.17
N ARG C 39 12.37 2.03 -9.38
CA ARG C 39 12.78 3.41 -9.60
C ARG C 39 13.46 3.59 -10.95
N VAL C 40 14.00 2.53 -11.53
CA VAL C 40 14.59 2.60 -12.86
C VAL C 40 13.53 2.37 -13.93
N LEU C 41 12.65 1.39 -13.73
CA LEU C 41 11.59 1.13 -14.69
C LEU C 41 10.71 2.36 -14.89
N TYR C 42 10.32 3.01 -13.79
CA TYR C 42 9.56 4.26 -13.90
C TYR C 42 10.37 5.36 -14.56
N SER C 43 11.70 5.36 -14.36
CA SER C 43 12.54 6.35 -15.01
C SER C 43 12.66 6.06 -16.50
N LEU C 44 12.85 4.78 -16.87
CA LEU C 44 12.96 4.42 -18.28
C LEU C 44 11.67 4.71 -19.03
N ALA C 45 10.54 4.71 -18.33
CA ALA C 45 9.29 5.13 -18.96
C ALA C 45 9.22 6.64 -19.12
N LYS C 46 9.82 7.39 -18.19
CA LYS C 46 9.82 8.84 -18.31
C LYS C 46 10.72 9.29 -19.46
N LYS C 47 11.82 8.58 -19.69
CA LYS C 47 12.66 8.84 -20.86
C LYS C 47 12.02 8.39 -22.16
N GLY C 48 10.96 7.59 -22.09
CA GLY C 48 10.28 7.11 -23.26
C GLY C 48 10.75 5.76 -23.78
N LYS C 49 11.78 5.18 -23.17
CA LYS C 49 12.33 3.92 -23.67
C LYS C 49 11.51 2.71 -23.25
N LEU C 50 10.67 2.84 -22.23
CA LEU C 50 9.82 1.74 -21.77
C LEU C 50 8.37 2.20 -21.72
N GLN C 51 7.46 1.26 -21.92
CA GLN C 51 6.02 1.48 -21.83
C GLN C 51 5.44 0.57 -20.76
N LYS C 52 4.49 1.10 -19.99
CA LYS C 52 3.91 0.41 -18.85
C LYS C 52 2.48 0.02 -19.17
N GLU C 53 2.22 -1.29 -19.23
CA GLU C 53 0.85 -1.76 -19.35
C GLU C 53 0.14 -1.63 -18.01
N ALA C 54 -1.07 -1.10 -18.05
CA ALA C 54 -1.85 -0.92 -16.82
C ALA C 54 -2.25 -2.28 -16.26
N GLY C 55 -2.17 -2.41 -14.95
CA GLY C 55 -2.52 -3.65 -14.28
C GLY C 55 -1.87 -3.74 -12.92
N THR C 56 -2.17 -4.84 -12.24
CA THR C 56 -1.63 -5.11 -10.91
C THR C 56 -1.11 -6.55 -10.84
N PRO C 57 0.21 -6.72 -10.83
CA PRO C 57 1.26 -5.69 -10.87
C PRO C 57 1.43 -5.08 -12.26
N PRO C 58 2.08 -3.90 -12.33
CA PRO C 58 2.32 -3.29 -13.65
C PRO C 58 3.21 -4.16 -14.51
N LEU C 59 2.88 -4.23 -15.80
CA LEU C 59 3.67 -4.98 -16.77
C LEU C 59 4.54 -4.02 -17.55
N TRP C 60 5.81 -4.38 -17.72
CA TRP C 60 6.80 -3.52 -18.35
C TRP C 60 7.28 -4.16 -19.65
N LYS C 61 7.27 -3.38 -20.72
CA LYS C 61 7.68 -3.85 -22.04
C LYS C 61 8.48 -2.76 -22.73
N ILE C 62 9.23 -3.16 -23.75
CA ILE C 62 10.01 -2.20 -24.53
C ILE C 62 9.06 -1.32 -25.34
N ALA C 63 9.37 -0.03 -25.42
CA ALA C 63 8.48 0.93 -26.04
C ALA C 63 8.34 0.67 -27.53
N VAL C 64 7.10 0.78 -28.02
CA VAL C 64 6.83 0.69 -29.45
C VAL C 64 6.40 2.08 -29.91
N SER C 65 6.99 3.11 -29.31
CA SER C 65 6.64 4.49 -29.62
C SER C 65 7.14 4.88 -31.00
N SER D 2 -18.21 -2.06 -10.51
CA SER D 2 -19.24 -1.90 -9.50
C SER D 2 -20.15 -3.12 -9.45
N HIS D 3 -20.08 -3.96 -10.48
CA HIS D 3 -20.89 -5.17 -10.52
C HIS D 3 -20.48 -6.14 -9.41
N MET D 4 -19.17 -6.39 -9.30
CA MET D 4 -18.69 -7.26 -8.23
C MET D 4 -18.97 -6.67 -6.86
N GLU D 5 -18.98 -5.33 -6.76
CA GLU D 5 -19.29 -4.68 -5.49
C GLU D 5 -20.73 -4.95 -5.07
N GLN D 6 -21.63 -5.13 -6.04
CA GLN D 6 -23.03 -5.31 -5.70
C GLN D 6 -23.31 -6.74 -5.23
N ARG D 7 -22.69 -7.74 -5.87
CA ARG D 7 -22.86 -9.11 -5.42
C ARG D 7 -22.38 -9.28 -3.98
N ILE D 8 -21.32 -8.56 -3.60
CA ILE D 8 -20.80 -8.65 -2.24
C ILE D 8 -21.72 -7.93 -1.28
N LEU D 9 -22.12 -6.70 -1.63
CA LEU D 9 -22.97 -5.91 -0.73
C LEU D 9 -24.35 -6.54 -0.59
N LYS D 10 -24.90 -7.10 -1.66
CA LYS D 10 -26.21 -7.73 -1.59
C LYS D 10 -26.18 -8.95 -0.68
N PHE D 11 -25.14 -9.78 -0.82
CA PHE D 11 -25.03 -10.97 0.03
C PHE D 11 -24.91 -10.59 1.50
N LEU D 12 -23.99 -9.67 1.81
CA LEU D 12 -23.85 -9.21 3.20
C LEU D 12 -25.16 -8.61 3.69
N GLU D 13 -25.87 -7.88 2.83
CA GLU D 13 -27.17 -7.33 3.21
C GLU D 13 -28.21 -8.43 3.34
N GLU D 14 -28.21 -9.39 2.41
CA GLU D 14 -29.14 -10.50 2.52
C GLU D 14 -28.84 -11.37 3.73
N LEU D 15 -27.56 -11.63 3.98
CA LEU D 15 -27.12 -12.50 5.07
C LEU D 15 -27.31 -11.74 6.39
N GLY D 16 -28.57 -11.67 6.83
CA GLY D 16 -28.87 -11.03 8.10
C GLY D 16 -28.78 -9.52 8.02
N GLU D 17 -29.17 -8.87 9.11
CA GLU D 17 -29.09 -7.42 9.20
C GLU D 17 -27.87 -6.92 9.97
N GLY D 18 -27.25 -7.77 10.79
CA GLY D 18 -26.09 -7.35 11.55
C GLY D 18 -25.00 -8.41 11.57
N LYS D 19 -25.06 -9.33 10.62
CA LYS D 19 -24.10 -10.41 10.52
C LYS D 19 -22.91 -10.02 9.64
N ALA D 20 -21.78 -10.65 9.89
CA ALA D 20 -20.57 -10.47 9.10
C ALA D 20 -20.14 -11.81 8.51
N THR D 21 -19.16 -11.76 7.61
CA THR D 21 -18.61 -12.97 7.02
C THR D 21 -17.20 -12.68 6.53
N THR D 22 -16.52 -13.73 6.09
CA THR D 22 -15.13 -13.65 5.67
C THR D 22 -15.01 -13.60 4.16
N ALA D 23 -13.82 -13.22 3.69
CA ALA D 23 -13.53 -13.24 2.26
C ALA D 23 -13.56 -14.66 1.71
N HIS D 24 -13.16 -15.63 2.51
CA HIS D 24 -13.21 -17.03 2.08
C HIS D 24 -14.65 -17.48 1.87
N ASP D 25 -15.53 -17.16 2.82
CA ASP D 25 -16.94 -17.52 2.67
C ASP D 25 -17.53 -16.85 1.43
N LEU D 26 -17.17 -15.59 1.19
CA LEU D 26 -17.60 -14.92 -0.03
C LEU D 26 -17.01 -15.60 -1.26
N SER D 27 -15.76 -16.05 -1.17
CA SER D 27 -15.11 -16.71 -2.29
C SER D 27 -15.86 -17.98 -2.71
N GLY D 28 -16.34 -18.75 -1.73
CA GLY D 28 -17.06 -19.97 -2.02
C GLY D 28 -18.48 -19.73 -2.47
N LYS D 29 -19.21 -18.89 -1.73
CA LYS D 29 -20.61 -18.65 -2.03
C LYS D 29 -20.80 -17.96 -3.38
N LEU D 30 -19.82 -17.18 -3.82
CA LEU D 30 -19.92 -16.44 -5.07
C LEU D 30 -19.09 -17.04 -6.19
N GLY D 31 -18.33 -18.11 -5.92
CA GLY D 31 -17.52 -18.75 -6.94
C GLY D 31 -16.53 -17.79 -7.58
N THR D 32 -15.62 -17.24 -6.78
CA THR D 32 -14.68 -16.22 -7.22
C THR D 32 -13.41 -16.38 -6.40
N PRO D 33 -12.24 -16.30 -7.03
CA PRO D 33 -10.98 -16.38 -6.28
C PRO D 33 -10.94 -15.35 -5.16
N LYS D 34 -10.32 -15.73 -4.04
CA LYS D 34 -10.28 -14.87 -2.87
C LYS D 34 -9.58 -13.55 -3.16
N LYS D 35 -8.62 -13.55 -4.10
CA LYS D 35 -7.89 -12.32 -4.39
C LYS D 35 -8.82 -11.25 -4.93
N GLU D 36 -9.76 -11.62 -5.79
CA GLU D 36 -10.71 -10.65 -6.32
C GLU D 36 -11.67 -10.17 -5.25
N ILE D 37 -12.02 -11.05 -4.30
CA ILE D 37 -12.92 -10.65 -3.22
C ILE D 37 -12.26 -9.61 -2.33
N ASN D 38 -11.04 -9.89 -1.88
CA ASN D 38 -10.33 -8.95 -1.01
C ASN D 38 -10.02 -7.65 -1.73
N ARG D 39 -9.78 -7.71 -3.04
CA ARG D 39 -9.59 -6.48 -3.81
C ARG D 39 -10.79 -5.56 -3.69
N VAL D 40 -12.00 -6.13 -3.76
CA VAL D 40 -13.22 -5.33 -3.66
C VAL D 40 -13.52 -4.99 -2.20
N LEU D 41 -13.28 -5.93 -1.29
CA LEU D 41 -13.61 -5.71 0.12
C LEU D 41 -12.85 -4.52 0.69
N TYR D 42 -11.53 -4.54 0.57
CA TYR D 42 -10.72 -3.45 1.10
C TYR D 42 -10.97 -2.14 0.37
N SER D 43 -11.39 -2.22 -0.90
CA SER D 43 -11.77 -1.02 -1.62
C SER D 43 -13.05 -0.42 -1.03
N LEU D 44 -14.06 -1.28 -0.78
CA LEU D 44 -15.29 -0.80 -0.16
C LEU D 44 -15.03 -0.26 1.25
N ALA D 45 -14.00 -0.77 1.93
CA ALA D 45 -13.66 -0.24 3.24
C ALA D 45 -13.03 1.14 3.13
N LYS D 46 -12.24 1.37 2.08
CA LYS D 46 -11.68 2.70 1.85
C LYS D 46 -12.77 3.69 1.45
N LYS D 47 -13.77 3.22 0.69
CA LYS D 47 -14.90 4.07 0.33
C LYS D 47 -15.88 4.27 1.48
N GLY D 48 -15.76 3.53 2.57
CA GLY D 48 -16.70 3.65 3.67
C GLY D 48 -17.97 2.84 3.51
N LYS D 49 -18.01 1.92 2.55
CA LYS D 49 -19.17 1.08 2.32
C LYS D 49 -19.17 -0.18 3.19
N LEU D 50 -18.05 -0.53 3.80
CA LEU D 50 -17.97 -1.73 4.64
C LEU D 50 -17.12 -1.43 5.88
N GLN D 51 -17.47 -2.11 6.97
CA GLN D 51 -16.73 -2.05 8.23
C GLN D 51 -15.93 -3.34 8.39
N LYS D 52 -14.64 -3.20 8.67
CA LYS D 52 -13.71 -4.32 8.77
C LYS D 52 -13.36 -4.58 10.22
N GLU D 53 -13.54 -5.82 10.66
CA GLU D 53 -13.15 -6.27 11.99
C GLU D 53 -11.80 -6.96 11.88
N ALA D 54 -10.77 -6.39 12.52
CA ALA D 54 -9.44 -6.96 12.47
C ALA D 54 -9.42 -8.35 13.10
N GLY D 55 -8.98 -9.33 12.33
CA GLY D 55 -8.91 -10.69 12.83
C GLY D 55 -8.25 -11.60 11.82
N THR D 56 -8.22 -12.88 12.16
CA THR D 56 -7.63 -13.90 11.30
C THR D 56 -8.61 -15.04 11.08
N PRO D 57 -9.44 -14.95 10.02
CA PRO D 57 -9.49 -13.87 9.02
C PRO D 57 -10.30 -12.66 9.45
N PRO D 58 -10.20 -11.55 8.72
CA PRO D 58 -11.04 -10.39 9.02
C PRO D 58 -12.50 -10.65 8.69
N LEU D 59 -13.37 -9.94 9.41
CA LEU D 59 -14.81 -10.06 9.25
C LEU D 59 -15.36 -8.76 8.66
N TRP D 60 -16.24 -8.89 7.67
CA TRP D 60 -16.75 -7.74 6.92
C TRP D 60 -18.25 -7.60 7.13
N LYS D 61 -18.69 -6.39 7.43
CA LYS D 61 -20.10 -6.10 7.66
C LYS D 61 -20.46 -4.78 6.98
N ILE D 62 -21.76 -4.60 6.74
CA ILE D 62 -22.24 -3.40 6.05
C ILE D 62 -21.89 -2.19 6.88
N ALA D 63 -21.36 -1.15 6.24
CA ALA D 63 -20.93 0.00 7.01
C ALA D 63 -22.04 1.05 7.08
N VAL D 64 -21.80 2.06 7.91
CA VAL D 64 -22.71 3.18 7.98
C VAL D 64 -22.86 3.84 6.60
#